data_8V8W
#
_entry.id   8V8W
#
_cell.length_a   67.801
_cell.length_b   67.801
_cell.length_c   200.023
_cell.angle_alpha   90.00
_cell.angle_beta   90.00
_cell.angle_gamma   90.00
#
_symmetry.space_group_name_H-M   'P 43 21 2'
#
loop_
_entity.id
_entity.type
_entity.pdbx_description
1 polymer 'UDP-N-acetylmuramoylalanine--D-glutamate ligase'
2 non-polymer 'ACETATE ION'
3 non-polymer 'SULFATE ION'
4 non-polymer (4S)-2-METHYL-2,4-PENTANEDIOL
5 non-polymer 'OXAMIC ACID'
6 water water
#
_entity_poly.entity_id   1
_entity_poly.type   'polypeptide(L)'
_entity_poly.pdbx_seq_one_letter_code
;MADYQGKNVVIIGLGLTGLSCVDFFLARGVTPRVMDTRMTPPGLDKLPEAVERHTGSLNDEWLMAADLIVASPGIALAHP
SLSAAADAGIEIVGDIELFCREAQAPIVAITGSNGKSTVTTLVGEMAKAAGVNVGVGGNIGLPALMLLDDECELYVLELS
SFQLETTSSLQAVAATILNVTEDHMDRYPFGLQQYRAAKLRIYENAKVCVVNADDALTMPIRGADERCVSFGVNMGDYHL
NHQQGETWLRVKGEKVLNVKEMKLSGQHNYTNALAALALADAAGLPRASSLKALTTFTGLPHRFEVVLEHNGVRWINDSK
ATNVGSTEAALNGLHVDGTLHLLLGGDGKSADFSPLARYLNGDNVRLYCFGRDGAQLAALRPEVAEQTETMEQAMRLLAP
RVQPGDMVLLSPACASLDQFKNFEQRGNEFARLAKELGGHHHHHH
;
_entity_poly.pdbx_strand_id   A
#
loop_
_chem_comp.id
_chem_comp.type
_chem_comp.name
_chem_comp.formula
ACT non-polymer 'ACETATE ION' 'C2 H3 O2 -1'
MPD non-polymer (4S)-2-METHYL-2,4-PENTANEDIOL 'C6 H14 O2'
OXM non-polymer 'OXAMIC ACID' 'C2 H3 N O3'
SO4 non-polymer 'SULFATE ION' 'O4 S -2'
#
# COMPACT_ATOMS: atom_id res chain seq x y z
N ALA A 2 -13.35 6.63 25.33
CA ALA A 2 -14.76 6.19 25.56
C ALA A 2 -14.79 5.13 26.66
N ASP A 3 -15.94 5.06 27.34
CA ASP A 3 -16.14 4.15 28.47
C ASP A 3 -17.08 3.04 28.01
N TYR A 4 -16.58 1.81 27.99
CA TYR A 4 -17.37 0.66 27.58
C TYR A 4 -17.79 -0.23 28.75
N GLN A 5 -17.50 0.17 29.99
CA GLN A 5 -17.79 -0.75 31.10
C GLN A 5 -19.28 -1.01 31.20
N GLY A 6 -19.63 -2.27 31.46
CA GLY A 6 -21.01 -2.66 31.56
C GLY A 6 -21.71 -2.93 30.24
N LYS A 7 -21.08 -2.70 29.11
CA LYS A 7 -21.74 -2.84 27.82
C LYS A 7 -21.66 -4.29 27.32
N ASN A 8 -22.71 -4.68 26.58
CA ASN A 8 -22.78 -5.95 25.86
C ASN A 8 -22.18 -5.72 24.47
N VAL A 9 -20.91 -6.15 24.28
CA VAL A 9 -20.16 -5.90 23.06
C VAL A 9 -20.07 -7.18 22.23
N VAL A 10 -20.38 -7.04 20.94
CA VAL A 10 -20.32 -8.16 20.01
C VAL A 10 -19.38 -7.79 18.89
N ILE A 11 -18.43 -8.66 18.59
CA ILE A 11 -17.46 -8.47 17.52
C ILE A 11 -17.78 -9.45 16.39
N ILE A 12 -17.82 -8.93 15.16
CA ILE A 12 -17.98 -9.75 13.97
C ILE A 12 -16.64 -9.83 13.26
N GLY A 13 -16.14 -11.04 13.10
CA GLY A 13 -14.88 -11.29 12.41
C GLY A 13 -13.83 -11.81 13.35
N LEU A 14 -13.23 -12.96 13.00
CA LEU A 14 -12.20 -13.57 13.80
C LEU A 14 -10.89 -13.63 13.04
N GLY A 15 -10.65 -12.64 12.20
CA GLY A 15 -9.33 -12.41 11.66
C GLY A 15 -8.53 -11.60 12.66
N LEU A 16 -7.36 -11.13 12.20
CA LEU A 16 -6.48 -10.38 13.07
C LEU A 16 -7.18 -9.13 13.57
N THR A 17 -7.99 -8.51 12.72
CA THR A 17 -8.69 -7.29 13.13
C THR A 17 -9.65 -7.57 14.28
N GLY A 18 -10.50 -8.61 14.17
CA GLY A 18 -11.39 -8.92 15.26
C GLY A 18 -10.66 -9.33 16.52
N LEU A 19 -9.56 -10.09 16.39
CA LEU A 19 -8.75 -10.43 17.55
C LEU A 19 -8.23 -9.18 18.27
N SER A 20 -7.82 -8.16 17.50
CA SER A 20 -7.31 -6.94 18.13
C SER A 20 -8.43 -6.26 18.90
N CYS A 21 -9.67 -6.42 18.44
CA CYS A 21 -10.82 -5.86 19.15
C CYS A 21 -11.08 -6.63 20.45
N VAL A 22 -10.93 -7.96 20.42
CA VAL A 22 -11.06 -8.74 21.66
C VAL A 22 -10.07 -8.23 22.69
N ASP A 23 -8.79 -8.08 22.28
CA ASP A 23 -7.75 -7.61 23.18
C ASP A 23 -8.09 -6.23 23.73
N PHE A 24 -8.57 -5.33 22.87
CA PHE A 24 -8.93 -3.97 23.28
C PHE A 24 -9.94 -3.97 24.42
N PHE A 25 -11.03 -4.75 24.29
CA PHE A 25 -12.08 -4.76 25.31
C PHE A 25 -11.62 -5.48 26.58
N LEU A 26 -10.92 -6.61 26.45
CA LEU A 26 -10.42 -7.29 27.64
C LEU A 26 -9.49 -6.40 28.45
N ALA A 27 -8.65 -5.60 27.79
CA ALA A 27 -7.77 -4.70 28.53
C ALA A 27 -8.52 -3.64 29.31
N ARG A 28 -9.79 -3.41 28.97
CA ARG A 28 -10.64 -2.43 29.62
C ARG A 28 -11.67 -3.11 30.53
N GLY A 29 -11.46 -4.38 30.83
CA GLY A 29 -12.35 -5.10 31.73
C GLY A 29 -13.66 -5.52 31.13
N VAL A 30 -13.78 -5.50 29.81
CA VAL A 30 -15.00 -5.87 29.11
C VAL A 30 -14.79 -7.17 28.37
N THR A 31 -15.64 -8.17 28.63
CA THR A 31 -15.55 -9.43 27.89
C THR A 31 -16.54 -9.42 26.73
N PRO A 32 -16.10 -9.31 25.49
CA PRO A 32 -17.02 -9.32 24.35
C PRO A 32 -17.39 -10.74 23.96
N ARG A 33 -18.43 -10.86 23.14
CA ARG A 33 -18.74 -12.07 22.39
C ARG A 33 -18.25 -11.87 20.97
N VAL A 34 -17.86 -12.97 20.30
CA VAL A 34 -17.31 -12.87 18.95
CA VAL A 34 -17.28 -12.89 18.96
C VAL A 34 -17.91 -13.93 18.05
N MET A 35 -18.06 -13.57 16.77
CA MET A 35 -18.67 -14.45 15.79
C MET A 35 -18.03 -14.25 14.43
N ASP A 36 -18.14 -15.29 13.60
CA ASP A 36 -17.56 -15.31 12.26
C ASP A 36 -18.38 -16.29 11.43
N THR A 37 -18.68 -15.91 10.19
CA THR A 37 -19.46 -16.80 9.34
C THR A 37 -18.69 -18.05 8.94
N ARG A 38 -17.35 -18.01 8.95
CA ARG A 38 -16.55 -19.18 8.60
C ARG A 38 -16.61 -20.21 9.72
N MET A 39 -16.60 -21.50 9.35
CA MET A 39 -16.67 -22.53 10.39
C MET A 39 -15.42 -22.54 11.25
N THR A 40 -14.24 -22.34 10.64
CA THR A 40 -12.96 -22.33 11.37
C THR A 40 -12.16 -21.13 10.91
N PRO A 41 -12.47 -19.94 11.43
CA PRO A 41 -11.71 -18.76 11.06
C PRO A 41 -10.27 -18.87 11.55
N PRO A 42 -9.36 -18.04 11.01
CA PRO A 42 -7.95 -18.14 11.45
C PRO A 42 -7.82 -17.99 12.95
N GLY A 43 -8.41 -16.93 13.49
CA GLY A 43 -8.18 -16.49 14.84
C GLY A 43 -8.78 -17.35 15.90
N LEU A 44 -9.56 -18.35 15.52
CA LEU A 44 -10.30 -19.10 16.51
C LEU A 44 -9.41 -19.64 17.59
N ASP A 45 -8.26 -20.19 17.24
CA ASP A 45 -7.46 -20.87 18.24
CA ASP A 45 -7.39 -20.87 18.17
C ASP A 45 -6.46 -19.92 18.92
N LYS A 46 -6.64 -18.60 18.73
CA LYS A 46 -5.94 -17.55 19.48
C LYS A 46 -6.81 -16.92 20.56
N LEU A 47 -8.08 -17.26 20.61
CA LEU A 47 -9.01 -16.64 21.55
C LEU A 47 -8.79 -17.16 22.97
N PRO A 48 -8.97 -16.31 23.96
CA PRO A 48 -9.05 -16.82 25.34
C PRO A 48 -10.23 -17.77 25.48
N GLU A 49 -10.05 -18.85 26.25
CA GLU A 49 -11.13 -19.83 26.45
C GLU A 49 -12.40 -19.14 26.95
N ALA A 50 -12.26 -18.07 27.74
CA ALA A 50 -13.41 -17.48 28.43
C ALA A 50 -14.24 -16.55 27.54
N VAL A 51 -13.82 -16.31 26.31
CA VAL A 51 -14.57 -15.46 25.38
C VAL A 51 -15.54 -16.36 24.62
N GLU A 52 -16.84 -16.05 24.70
CA GLU A 52 -17.82 -16.85 23.99
C GLU A 52 -17.68 -16.61 22.49
N ARG A 53 -17.79 -17.69 21.71
CA ARG A 53 -17.61 -17.55 20.28
C ARG A 53 -18.63 -18.40 19.55
N HIS A 54 -18.95 -17.95 18.34
CA HIS A 54 -19.95 -18.58 17.47
C HIS A 54 -19.43 -18.56 16.04
N THR A 55 -19.34 -19.72 15.41
CA THR A 55 -18.77 -19.80 14.08
C THR A 55 -19.72 -20.55 13.16
N GLY A 56 -19.56 -20.31 11.86
CA GLY A 56 -20.36 -20.97 10.84
C GLY A 56 -21.53 -20.15 10.34
N SER A 57 -21.84 -19.02 10.98
CA SER A 57 -22.96 -18.15 10.65
C SER A 57 -22.85 -16.96 11.60
N LEU A 58 -23.72 -15.97 11.40
CA LEU A 58 -23.86 -14.92 12.39
C LEU A 58 -24.98 -15.30 13.35
N ASN A 59 -24.75 -15.04 14.63
CA ASN A 59 -25.70 -15.34 15.68
C ASN A 59 -26.59 -14.12 15.90
N ASP A 60 -27.85 -14.19 15.43
CA ASP A 60 -28.68 -13.00 15.47
C ASP A 60 -29.12 -12.69 16.89
N GLU A 61 -29.27 -13.71 17.72
CA GLU A 61 -29.63 -13.44 19.11
CA GLU A 61 -29.62 -13.46 19.12
C GLU A 61 -28.54 -12.62 19.79
N TRP A 62 -27.27 -12.95 19.54
CA TRP A 62 -26.20 -12.15 20.10
C TRP A 62 -26.19 -10.73 19.53
N LEU A 63 -26.38 -10.57 18.21
CA LEU A 63 -26.33 -9.23 17.63
C LEU A 63 -27.45 -8.33 18.15
N MET A 64 -28.68 -8.85 18.22
CA MET A 64 -29.80 -7.98 18.54
C MET A 64 -29.81 -7.59 20.01
N ALA A 65 -29.06 -8.32 20.84
CA ALA A 65 -28.97 -8.01 22.27
C ALA A 65 -27.79 -7.09 22.56
N ALA A 66 -27.00 -6.76 21.57
CA ALA A 66 -25.79 -5.98 21.78
C ALA A 66 -26.09 -4.52 22.12
N ASP A 67 -25.20 -3.93 22.94
CA ASP A 67 -25.13 -2.48 23.08
C ASP A 67 -24.23 -1.87 22.02
N LEU A 68 -23.25 -2.64 21.54
CA LEU A 68 -22.27 -2.18 20.58
C LEU A 68 -21.88 -3.36 19.72
N ILE A 69 -21.96 -3.18 18.40
CA ILE A 69 -21.47 -4.15 17.44
C ILE A 69 -20.21 -3.56 16.81
N VAL A 70 -19.15 -4.36 16.80
CA VAL A 70 -17.87 -3.96 16.20
C VAL A 70 -17.67 -4.89 15.01
N ALA A 71 -17.81 -4.36 13.81
CA ALA A 71 -17.79 -5.16 12.59
C ALA A 71 -16.44 -5.07 11.88
N SER A 72 -15.85 -6.23 11.61
CA SER A 72 -14.61 -6.22 10.86
C SER A 72 -14.87 -5.75 9.44
N PRO A 73 -13.91 -5.05 8.84
CA PRO A 73 -14.14 -4.50 7.50
C PRO A 73 -14.14 -5.62 6.48
N GLY A 74 -14.98 -5.47 5.48
CA GLY A 74 -15.04 -6.42 4.40
C GLY A 74 -16.46 -6.54 3.88
N ILE A 75 -16.61 -7.47 2.91
CA ILE A 75 -17.91 -7.76 2.32
C ILE A 75 -18.90 -8.14 3.42
N ALA A 76 -18.39 -8.56 4.59
CA ALA A 76 -19.26 -8.93 5.70
C ALA A 76 -20.08 -7.75 6.22
N LEU A 77 -19.62 -6.52 5.98
CA LEU A 77 -20.40 -5.36 6.40
C LEU A 77 -21.75 -5.29 5.72
N ALA A 78 -21.94 -6.04 4.64
CA ALA A 78 -23.19 -6.05 3.89
C ALA A 78 -24.14 -7.16 4.33
N HIS A 79 -23.83 -7.85 5.42
CA HIS A 79 -24.65 -8.97 5.84
C HIS A 79 -26.01 -8.49 6.36
N PRO A 80 -27.11 -9.15 5.97
CA PRO A 80 -28.45 -8.68 6.40
C PRO A 80 -28.65 -8.61 7.89
N SER A 81 -27.98 -9.49 8.64
CA SER A 81 -28.11 -9.47 10.09
C SER A 81 -27.58 -8.17 10.65
N LEU A 82 -26.51 -7.66 10.03
CA LEU A 82 -25.97 -6.37 10.46
C LEU A 82 -26.93 -5.25 10.09
N SER A 83 -27.55 -5.35 8.90
CA SER A 83 -28.56 -4.37 8.49
C SER A 83 -29.75 -4.37 9.45
N ALA A 84 -30.22 -5.55 9.83
CA ALA A 84 -31.34 -5.64 10.78
C ALA A 84 -30.98 -4.98 12.10
N ALA A 85 -29.75 -5.18 12.57
CA ALA A 85 -29.30 -4.50 13.79
C ALA A 85 -29.25 -3.00 13.59
N ALA A 86 -28.72 -2.56 12.46
CA ALA A 86 -28.75 -1.15 12.11
C ALA A 86 -30.18 -0.64 12.06
N ASP A 87 -31.07 -1.38 11.42
CA ASP A 87 -32.48 -0.99 11.34
C ASP A 87 -33.09 -0.80 12.72
N ALA A 88 -32.62 -1.55 13.72
CA ALA A 88 -33.16 -1.47 15.07
C ALA A 88 -32.45 -0.40 15.91
N GLY A 89 -31.50 0.32 15.34
CA GLY A 89 -30.82 1.38 16.05
C GLY A 89 -29.64 0.97 16.90
N ILE A 90 -29.14 -0.26 16.74
CA ILE A 90 -27.97 -0.68 17.50
C ILE A 90 -26.71 -0.05 16.91
N GLU A 91 -25.85 0.50 17.78
CA GLU A 91 -24.64 1.19 17.33
C GLU A 91 -23.66 0.21 16.70
N ILE A 92 -23.19 0.53 15.49
CA ILE A 92 -22.24 -0.30 14.76
C ILE A 92 -21.01 0.53 14.45
N VAL A 93 -19.84 0.03 14.84
CA VAL A 93 -18.56 0.70 14.62
C VAL A 93 -17.57 -0.33 14.10
N GLY A 94 -16.40 0.14 13.65
CA GLY A 94 -15.29 -0.73 13.34
C GLY A 94 -14.09 -0.44 14.21
N ASP A 95 -13.02 -1.20 13.94
CA ASP A 95 -11.84 -1.06 14.78
C ASP A 95 -11.20 0.32 14.65
N ILE A 96 -11.29 0.94 13.47
CA ILE A 96 -10.66 2.25 13.32
C ILE A 96 -11.42 3.29 14.13
N GLU A 97 -12.76 3.15 14.23
CA GLU A 97 -13.54 4.03 15.08
C GLU A 97 -13.11 3.89 16.54
N LEU A 98 -13.00 2.65 17.03
CA LEU A 98 -12.53 2.47 18.40
C LEU A 98 -11.17 3.14 18.60
N PHE A 99 -10.28 2.98 17.62
CA PHE A 99 -8.95 3.56 17.70
C PHE A 99 -9.00 5.08 17.77
N CYS A 100 -9.73 5.71 16.88
CA CYS A 100 -9.78 7.16 16.83
C CYS A 100 -10.33 7.76 18.12
N ARG A 101 -11.23 7.04 18.80
CA ARG A 101 -11.78 7.52 20.06
C ARG A 101 -10.72 7.59 21.15
N GLU A 102 -9.68 6.75 21.06
CA GLU A 102 -8.68 6.66 22.10
C GLU A 102 -7.35 7.32 21.77
N ALA A 103 -7.03 7.51 20.49
CA ALA A 103 -5.70 7.97 20.13
C ALA A 103 -5.38 9.32 20.77
N GLN A 104 -4.15 9.42 21.29
CA GLN A 104 -3.64 10.62 21.95
C GLN A 104 -2.47 11.25 21.21
N ALA A 105 -2.25 10.87 19.97
CA ALA A 105 -1.27 11.45 19.06
C ALA A 105 -1.92 11.74 17.72
N PRO A 106 -1.31 12.62 16.93
CA PRO A 106 -1.83 12.92 15.60
C PRO A 106 -1.83 11.72 14.67
N ILE A 107 -2.81 11.70 13.78
CA ILE A 107 -2.99 10.60 12.84
C ILE A 107 -2.81 11.10 11.42
N VAL A 108 -1.92 10.46 10.66
CA VAL A 108 -1.89 10.58 9.19
C VAL A 108 -2.70 9.44 8.60
N ALA A 109 -3.67 9.76 7.74
CA ALA A 109 -4.60 8.78 7.20
C ALA A 109 -4.50 8.74 5.69
N ILE A 110 -4.26 7.54 5.15
CA ILE A 110 -3.98 7.33 3.73
C ILE A 110 -4.92 6.29 3.14
N THR A 111 -5.63 6.66 2.08
CA THR A 111 -6.40 5.69 1.30
C THR A 111 -6.14 5.94 -0.18
N GLY A 112 -6.69 5.06 -1.00
CA GLY A 112 -6.50 5.11 -2.44
C GLY A 112 -6.61 3.72 -3.03
N SER A 113 -6.62 3.68 -4.38
CA SER A 113 -6.76 2.41 -5.08
C SER A 113 -5.41 1.72 -5.25
N ASN A 114 -4.38 2.49 -5.58
CA ASN A 114 -3.04 2.02 -5.85
C ASN A 114 -2.03 2.84 -5.04
N GLY A 115 -0.94 2.18 -4.62
CA GLY A 115 0.16 2.86 -3.93
C GLY A 115 -0.06 3.12 -2.45
N LYS A 116 -1.20 2.73 -1.89
CA LYS A 116 -1.47 3.14 -0.51
C LYS A 116 -0.50 2.45 0.45
N SER A 117 -0.07 1.23 0.17
CA SER A 117 0.89 0.56 1.06
C SER A 117 2.26 1.21 0.99
N THR A 118 2.73 1.51 -0.22
CA THR A 118 4.03 2.15 -0.35
C THR A 118 4.06 3.53 0.29
N VAL A 119 3.02 4.35 0.05
CA VAL A 119 2.99 5.68 0.62
C VAL A 119 2.90 5.63 2.14
N THR A 120 2.07 4.73 2.69
CA THR A 120 1.98 4.61 4.14
C THR A 120 3.34 4.23 4.71
N THR A 121 3.96 3.24 4.10
CA THR A 121 5.28 2.79 4.57
C THR A 121 6.30 3.92 4.47
N LEU A 122 6.29 4.65 3.36
CA LEU A 122 7.22 5.76 3.20
C LEU A 122 7.04 6.84 4.26
N VAL A 123 5.81 7.26 4.52
CA VAL A 123 5.58 8.24 5.57
C VAL A 123 6.08 7.70 6.90
N GLY A 124 5.85 6.40 7.17
CA GLY A 124 6.42 5.81 8.37
C GLY A 124 7.93 5.93 8.41
N GLU A 125 8.57 5.69 7.27
CA GLU A 125 10.04 5.78 7.24
C GLU A 125 10.52 7.21 7.44
N MET A 126 9.77 8.19 6.89
CA MET A 126 10.08 9.60 7.14
C MET A 126 10.00 9.93 8.63
N ALA A 127 8.97 9.43 9.31
CA ALA A 127 8.87 9.67 10.74
C ALA A 127 10.01 8.99 11.48
N LYS A 128 10.35 7.75 11.09
CA LYS A 128 11.42 7.05 11.81
C LYS A 128 12.77 7.77 11.62
N ALA A 129 13.03 8.30 10.42
CA ALA A 129 14.25 9.05 10.16
C ALA A 129 14.33 10.28 11.03
N ALA A 130 13.18 10.81 11.41
CA ALA A 130 13.06 11.95 12.28
C ALA A 130 13.18 11.58 13.74
N GLY A 131 13.38 10.31 14.06
CA GLY A 131 13.47 9.94 15.45
C GLY A 131 12.14 9.90 16.17
N VAL A 132 11.03 9.95 15.45
CA VAL A 132 9.70 9.96 16.05
C VAL A 132 9.24 8.55 16.34
N ASN A 133 8.61 8.37 17.50
CA ASN A 133 8.06 7.06 17.90
C ASN A 133 6.72 6.88 17.20
N VAL A 134 6.78 6.32 16.00
CA VAL A 134 5.64 6.27 15.09
C VAL A 134 5.04 4.87 15.12
N GLY A 135 3.72 4.84 14.99
CA GLY A 135 2.94 3.61 14.87
C GLY A 135 2.37 3.56 13.48
N VAL A 136 2.77 2.57 12.67
CA VAL A 136 2.35 2.42 11.28
C VAL A 136 1.47 1.19 11.15
N GLY A 137 0.28 1.35 10.63
CA GLY A 137 -0.55 0.18 10.45
C GLY A 137 -1.85 0.43 9.74
N GLY A 138 -2.86 -0.40 10.04
CA GLY A 138 -4.15 -0.33 9.39
C GLY A 138 -4.32 -1.34 8.27
N ASN A 139 -3.23 -1.83 7.70
CA ASN A 139 -3.28 -2.94 6.75
C ASN A 139 -3.73 -4.22 7.47
N ILE A 140 -4.12 -5.23 6.68
CA ILE A 140 -4.67 -6.45 7.27
C ILE A 140 -3.72 -7.03 8.31
N GLY A 141 -2.42 -6.89 8.10
CA GLY A 141 -1.46 -7.51 8.97
C GLY A 141 -1.05 -6.72 10.20
N LEU A 142 -1.46 -5.47 10.36
CA LEU A 142 -1.10 -4.65 11.52
CA LEU A 142 -1.10 -4.67 11.53
C LEU A 142 -2.28 -3.83 11.97
N PRO A 143 -3.22 -4.45 12.69
CA PRO A 143 -4.44 -3.75 13.10
C PRO A 143 -4.11 -2.53 13.92
N ALA A 144 -4.78 -1.42 13.59
CA ALA A 144 -4.53 -0.15 14.26
C ALA A 144 -4.61 -0.26 15.79
N LEU A 145 -5.56 -1.04 16.32
CA LEU A 145 -5.67 -1.07 17.78
C LEU A 145 -4.41 -1.60 18.45
N MET A 146 -3.63 -2.42 17.75
CA MET A 146 -2.40 -2.93 18.37
C MET A 146 -1.36 -1.85 18.52
N LEU A 147 -1.52 -0.74 17.80
CA LEU A 147 -0.58 0.37 17.85
C LEU A 147 -0.82 1.31 19.00
N LEU A 148 -2.03 1.33 19.58
CA LEU A 148 -2.34 2.27 20.64
C LEU A 148 -1.33 2.19 21.76
N ASP A 149 -0.69 3.32 22.04
CA ASP A 149 0.32 3.36 23.08
C ASP A 149 0.53 4.78 23.53
N ASP A 150 0.59 4.98 24.85
CA ASP A 150 0.77 6.32 25.41
C ASP A 150 2.07 6.97 24.96
N GLU A 151 3.08 6.19 24.59
CA GLU A 151 4.35 6.77 24.14
C GLU A 151 4.38 7.06 22.65
N CYS A 152 3.38 6.64 21.89
CA CYS A 152 3.37 6.90 20.46
CA CYS A 152 3.37 6.91 20.46
C CYS A 152 3.18 8.40 20.22
N GLU A 153 4.00 8.94 19.31
CA GLU A 153 3.99 10.36 18.99
C GLU A 153 3.28 10.67 17.69
N LEU A 154 3.00 9.66 16.88
CA LEU A 154 2.39 9.86 15.57
C LEU A 154 1.89 8.52 15.08
N TYR A 155 0.67 8.47 14.56
CA TYR A 155 0.14 7.28 13.92
C TYR A 155 0.02 7.53 12.42
N VAL A 156 0.33 6.52 11.62
CA VAL A 156 0.23 6.58 10.17
C VAL A 156 -0.60 5.37 9.75
N LEU A 157 -1.80 5.60 9.21
CA LEU A 157 -2.74 4.51 8.99
C LEU A 157 -3.11 4.40 7.51
N GLU A 158 -3.05 3.19 7.00
CA GLU A 158 -3.57 2.82 5.69
C GLU A 158 -5.01 2.39 5.90
N LEU A 159 -5.96 3.04 5.24
CA LEU A 159 -7.38 2.77 5.45
C LEU A 159 -8.05 2.32 4.16
N SER A 160 -8.97 1.37 4.30
CA SER A 160 -9.79 0.92 3.18
C SER A 160 -11.14 1.64 3.17
N SER A 161 -11.83 1.52 2.03
CA SER A 161 -13.21 2.02 1.97
C SER A 161 -14.06 1.37 3.05
N PHE A 162 -13.94 0.04 3.21
CA PHE A 162 -14.74 -0.64 4.23
C PHE A 162 -14.48 -0.06 5.62
N GLN A 163 -13.19 0.16 5.97
CA GLN A 163 -12.89 0.75 7.28
C GLN A 163 -13.53 2.11 7.43
N LEU A 164 -13.43 2.94 6.41
CA LEU A 164 -13.98 4.29 6.49
C LEU A 164 -15.51 4.29 6.62
N GLU A 165 -16.21 3.27 6.06
CA GLU A 165 -17.67 3.20 6.14
C GLU A 165 -18.17 3.22 7.59
N THR A 166 -17.40 2.68 8.52
CA THR A 166 -17.81 2.57 9.91
C THR A 166 -17.05 3.52 10.82
N THR A 167 -16.35 4.53 10.27
CA THR A 167 -15.51 5.42 11.05
C THR A 167 -16.10 6.82 11.01
N SER A 168 -16.42 7.36 12.19
CA SER A 168 -17.02 8.68 12.32
C SER A 168 -16.15 9.68 13.08
N SER A 169 -15.14 9.22 13.81
CA SER A 169 -14.38 10.08 14.73
C SER A 169 -12.95 10.36 14.27
N LEU A 170 -12.63 10.09 13.01
CA LEU A 170 -11.30 10.37 12.51
C LEU A 170 -11.14 11.86 12.25
N GLN A 171 -10.12 12.45 12.87
CA GLN A 171 -9.76 13.84 12.63
C GLN A 171 -8.26 13.87 12.33
N ALA A 172 -7.87 13.58 11.09
CA ALA A 172 -6.47 13.39 10.76
C ALA A 172 -5.72 14.72 10.74
N VAL A 173 -4.46 14.68 11.15
CA VAL A 173 -3.63 15.87 10.94
C VAL A 173 -3.34 16.08 9.47
N ALA A 174 -3.30 15.00 8.70
CA ALA A 174 -3.15 15.03 7.25
C ALA A 174 -3.79 13.77 6.69
N ALA A 175 -4.54 13.94 5.61
CA ALA A 175 -5.23 12.83 4.99
C ALA A 175 -5.16 12.93 3.48
N THR A 176 -5.18 11.78 2.80
CA THR A 176 -5.18 11.75 1.34
C THR A 176 -6.01 10.60 0.80
N ILE A 177 -6.64 10.86 -0.33
CA ILE A 177 -7.03 9.84 -1.28
C ILE A 177 -6.00 9.89 -2.41
N LEU A 178 -5.20 8.84 -2.59
CA LEU A 178 -4.11 8.93 -3.57
C LEU A 178 -4.61 8.91 -5.01
N ASN A 179 -5.66 8.13 -5.26
CA ASN A 179 -6.22 7.92 -6.58
C ASN A 179 -7.46 7.07 -6.40
N VAL A 180 -8.30 7.06 -7.42
CA VAL A 180 -9.50 6.25 -7.45
C VAL A 180 -9.58 5.56 -8.80
N THR A 181 -9.61 4.22 -8.79
CA THR A 181 -9.74 3.43 -10.00
C THR A 181 -10.75 2.32 -9.75
N GLU A 182 -10.98 1.50 -10.77
CA GLU A 182 -11.99 0.44 -10.70
C GLU A 182 -11.38 -0.95 -10.83
N PRO A 189 -15.42 -4.20 -5.70
CA PRO A 189 -16.39 -5.17 -5.12
C PRO A 189 -17.84 -4.69 -5.28
N PHE A 190 -18.05 -3.40 -5.06
CA PHE A 190 -19.30 -2.71 -5.34
C PHE A 190 -19.06 -1.60 -6.35
N GLY A 191 -20.08 -0.76 -6.54
CA GLY A 191 -20.02 0.28 -7.52
C GLY A 191 -19.05 1.39 -7.15
N LEU A 192 -18.57 2.08 -8.18
CA LEU A 192 -17.68 3.22 -7.96
C LEU A 192 -18.25 4.18 -6.92
N GLN A 193 -19.59 4.33 -6.85
CA GLN A 193 -20.16 5.45 -6.11
C GLN A 193 -20.10 5.25 -4.59
N GLN A 194 -20.44 4.04 -4.08
CA GLN A 194 -20.21 3.76 -2.67
C GLN A 194 -18.72 3.81 -2.34
N TYR A 195 -17.87 3.32 -3.28
CA TYR A 195 -16.43 3.21 -3.05
C TYR A 195 -15.84 4.57 -2.80
N ARG A 196 -16.23 5.55 -3.60
CA ARG A 196 -15.68 6.91 -3.48
C ARG A 196 -16.26 7.63 -2.27
N ALA A 197 -17.57 7.48 -2.00
CA ALA A 197 -18.16 8.10 -0.80
C ALA A 197 -17.41 7.71 0.48
N ALA A 198 -17.05 6.43 0.62
CA ALA A 198 -16.34 6.02 1.81
C ALA A 198 -14.99 6.71 1.86
N LYS A 199 -14.32 6.78 0.73
CA LYS A 199 -12.99 7.35 0.73
C LYS A 199 -13.03 8.83 1.09
N LEU A 200 -14.05 9.55 0.61
CA LEU A 200 -14.13 10.96 0.91
C LEU A 200 -14.29 11.25 2.41
N ARG A 201 -14.79 10.30 3.19
CA ARG A 201 -14.88 10.51 4.63
C ARG A 201 -13.51 10.78 5.26
N ILE A 202 -12.44 10.33 4.62
CA ILE A 202 -11.09 10.48 5.21
C ILE A 202 -10.73 11.95 5.41
N TYR A 203 -11.30 12.84 4.60
CA TYR A 203 -11.01 14.25 4.72
C TYR A 203 -11.84 14.96 5.79
N GLU A 204 -12.92 14.34 6.28
CA GLU A 204 -13.78 15.03 7.23
C GLU A 204 -12.99 15.32 8.50
N ASN A 205 -13.00 16.60 8.89
CA ASN A 205 -12.27 17.12 10.05
C ASN A 205 -10.76 16.91 9.95
N ALA A 206 -10.24 16.74 8.73
CA ALA A 206 -8.79 16.67 8.54
C ALA A 206 -8.19 18.07 8.53
N LYS A 207 -7.04 18.20 9.16
CA LYS A 207 -6.46 19.54 9.27
C LYS A 207 -5.89 19.98 7.92
N VAL A 208 -5.24 19.05 7.22
CA VAL A 208 -4.69 19.22 5.87
C VAL A 208 -5.16 18.06 5.01
N CYS A 209 -5.69 18.38 3.84
N CYS A 209 -5.66 18.38 3.81
CA CYS A 209 -6.02 17.39 2.82
CA CYS A 209 -6.04 17.40 2.81
C CYS A 209 -4.96 17.42 1.73
C CYS A 209 -5.02 17.41 1.67
N VAL A 210 -4.44 16.26 1.39
CA VAL A 210 -3.46 16.09 0.32
C VAL A 210 -4.16 15.39 -0.84
N VAL A 211 -4.31 16.09 -1.95
CA VAL A 211 -5.10 15.61 -3.09
C VAL A 211 -4.17 15.37 -4.27
N ASN A 212 -4.65 14.54 -5.19
CA ASN A 212 -3.95 14.23 -6.45
C ASN A 212 -4.46 15.21 -7.50
N ALA A 213 -3.60 16.15 -7.89
CA ALA A 213 -3.97 17.13 -8.89
C ALA A 213 -4.40 16.51 -10.21
N ASP A 214 -3.99 15.28 -10.49
CA ASP A 214 -4.31 14.63 -11.75
C ASP A 214 -5.53 13.71 -11.67
N ASP A 215 -6.21 13.65 -10.52
CA ASP A 215 -7.34 12.73 -10.33
C ASP A 215 -8.45 13.45 -9.57
N ALA A 216 -9.45 13.93 -10.30
CA ALA A 216 -10.53 14.70 -9.71
C ALA A 216 -11.30 13.94 -8.65
N LEU A 217 -11.32 12.60 -8.71
CA LEU A 217 -12.07 11.86 -7.69
C LEU A 217 -11.40 11.89 -6.32
N THR A 218 -10.17 12.42 -6.22
CA THR A 218 -9.50 12.57 -4.93
C THR A 218 -9.82 13.91 -4.25
N MET A 219 -10.55 14.81 -4.91
CA MET A 219 -10.86 16.12 -4.35
C MET A 219 -12.02 16.00 -3.38
N PRO A 220 -11.99 16.71 -2.26
CA PRO A 220 -13.13 16.65 -1.31
C PRO A 220 -14.46 16.93 -1.99
N ILE A 221 -15.56 16.46 -1.37
CA ILE A 221 -16.87 16.52 -2.02
C ILE A 221 -17.21 17.93 -2.48
N ARG A 222 -16.89 18.94 -1.66
CA ARG A 222 -17.11 20.32 -2.01
C ARG A 222 -16.00 20.90 -2.87
N GLY A 223 -14.94 20.15 -3.13
CA GLY A 223 -13.81 20.64 -3.90
C GLY A 223 -12.66 21.04 -3.00
N ALA A 224 -11.63 21.58 -3.63
CA ALA A 224 -10.48 22.05 -2.88
C ALA A 224 -10.89 23.25 -2.03
N ASP A 225 -10.28 23.35 -0.85
CA ASP A 225 -10.50 24.46 0.08
C ASP A 225 -9.13 24.84 0.68
N GLU A 226 -9.13 25.72 1.68
CA GLU A 226 -7.87 26.24 2.19
C GLU A 226 -7.06 25.16 2.89
N ARG A 227 -7.67 24.00 3.15
CA ARG A 227 -6.94 22.90 3.76
C ARG A 227 -6.12 22.09 2.77
N CYS A 228 -6.24 22.31 1.46
N CYS A 228 -6.28 22.33 1.47
CA CYS A 228 -5.83 21.29 0.49
CA CYS A 228 -5.81 21.39 0.46
C CYS A 228 -4.56 21.64 -0.27
C CYS A 228 -4.43 21.76 -0.07
N VAL A 229 -3.59 20.74 -0.17
CA VAL A 229 -2.33 20.77 -0.92
CA VAL A 229 -2.32 20.77 -0.89
C VAL A 229 -2.37 19.65 -1.94
N SER A 230 -1.79 19.88 -3.12
CA SER A 230 -1.83 18.87 -4.17
C SER A 230 -0.45 18.33 -4.53
N PHE A 231 -0.44 17.09 -5.03
CA PHE A 231 0.69 16.50 -5.71
C PHE A 231 0.24 16.10 -7.12
N GLY A 232 1.17 16.19 -8.07
CA GLY A 232 0.84 15.90 -9.45
C GLY A 232 2.11 15.63 -10.23
N VAL A 233 1.94 15.25 -11.49
CA VAL A 233 3.09 14.96 -12.34
C VAL A 233 3.74 16.25 -12.82
N ASN A 234 2.98 17.09 -13.51
CA ASN A 234 3.51 18.32 -14.12
C ASN A 234 3.18 19.57 -13.32
N MET A 235 2.19 19.50 -12.44
CA MET A 235 1.59 20.63 -11.79
C MET A 235 1.17 20.27 -10.38
N GLY A 236 1.01 21.28 -9.55
CA GLY A 236 0.60 21.12 -8.17
C GLY A 236 1.60 21.68 -7.18
N ASP A 237 1.20 21.68 -5.91
CA ASP A 237 2.15 22.11 -4.87
C ASP A 237 3.42 21.25 -4.88
N TYR A 238 3.24 19.94 -5.03
CA TYR A 238 4.32 18.96 -5.10
C TYR A 238 4.26 18.34 -6.50
N HIS A 239 5.29 18.56 -7.31
CA HIS A 239 5.25 17.97 -8.66
C HIS A 239 6.67 17.67 -9.14
N LEU A 240 6.76 17.12 -10.36
CA LEU A 240 8.03 16.76 -10.97
C LEU A 240 8.46 17.78 -11.99
N ASN A 241 9.76 18.09 -11.98
CA ASN A 241 10.35 19.10 -12.82
C ASN A 241 11.45 18.44 -13.63
N HIS A 242 11.30 18.44 -14.95
CA HIS A 242 12.29 17.89 -15.87
C HIS A 242 12.96 19.05 -16.58
N GLN A 243 14.27 19.14 -16.44
CA GLN A 243 15.02 20.19 -17.10
C GLN A 243 16.45 19.72 -17.28
N GLN A 244 17.07 20.13 -18.38
CA GLN A 244 18.49 19.85 -18.64
C GLN A 244 18.81 18.35 -18.54
N GLY A 245 17.81 17.49 -18.74
CA GLY A 245 18.01 16.04 -18.72
C GLY A 245 17.87 15.39 -17.37
N GLU A 246 17.53 16.17 -16.35
CA GLU A 246 17.41 15.69 -14.98
C GLU A 246 15.97 15.84 -14.53
N THR A 247 15.63 15.17 -13.44
CA THR A 247 14.29 15.27 -12.87
C THR A 247 14.39 15.61 -11.39
N TRP A 248 13.60 16.59 -10.95
CA TRP A 248 13.57 17.06 -9.57
C TRP A 248 12.18 16.95 -8.99
N LEU A 249 12.13 16.62 -7.70
CA LEU A 249 10.93 16.87 -6.90
C LEU A 249 10.89 18.36 -6.59
N ARG A 250 9.75 18.99 -6.87
CA ARG A 250 9.59 20.44 -6.74
C ARG A 250 8.42 20.69 -5.79
N VAL A 251 8.65 21.55 -4.81
CA VAL A 251 7.68 21.82 -3.76
C VAL A 251 7.50 23.32 -3.66
N LYS A 252 6.27 23.78 -3.91
CA LYS A 252 5.96 25.20 -3.90
C LYS A 252 6.99 26.01 -4.65
N GLY A 253 7.34 25.50 -5.83
CA GLY A 253 8.18 26.20 -6.77
C GLY A 253 9.67 26.05 -6.57
N GLU A 254 10.10 25.22 -5.63
CA GLU A 254 11.51 25.07 -5.32
C GLU A 254 11.93 23.62 -5.52
N LYS A 255 13.05 23.44 -6.21
CA LYS A 255 13.62 22.10 -6.32
C LYS A 255 14.07 21.66 -4.94
N VAL A 256 13.65 20.47 -4.50
CA VAL A 256 14.05 19.97 -3.19
C VAL A 256 14.88 18.69 -3.24
N LEU A 257 14.83 17.92 -4.33
CA LEU A 257 15.58 16.67 -4.40
C LEU A 257 15.69 16.23 -5.87
N ASN A 258 16.90 15.92 -6.29
CA ASN A 258 17.10 15.29 -7.58
C ASN A 258 16.68 13.83 -7.43
N VAL A 259 15.82 13.33 -8.32
CA VAL A 259 15.29 11.98 -8.10
C VAL A 259 16.37 10.91 -8.18
N LYS A 260 17.53 11.23 -8.78
CA LYS A 260 18.63 10.27 -8.85
C LYS A 260 19.14 9.90 -7.44
N GLU A 261 18.81 10.69 -6.43
CA GLU A 261 19.25 10.38 -5.06
C GLU A 261 18.35 9.33 -4.42
N MET A 262 17.20 9.08 -5.00
CA MET A 262 16.31 8.01 -4.57
C MET A 262 16.75 6.68 -5.17
N LYS A 263 16.32 5.59 -4.53
CA LYS A 263 16.55 4.25 -5.02
C LYS A 263 15.36 3.68 -5.78
N LEU A 264 14.16 4.16 -5.54
CA LEU A 264 13.04 3.81 -6.39
C LEU A 264 13.00 4.78 -7.58
N SER A 265 12.53 4.29 -8.72
CA SER A 265 12.31 5.17 -9.85
CA SER A 265 12.38 5.08 -9.91
C SER A 265 11.08 4.68 -10.62
N GLY A 266 10.80 5.32 -11.74
CA GLY A 266 9.50 5.14 -12.37
C GLY A 266 8.58 6.25 -11.91
N GLN A 267 7.77 6.79 -12.82
CA GLN A 267 6.99 7.99 -12.52
C GLN A 267 6.05 7.78 -11.34
N HIS A 268 5.34 6.64 -11.29
CA HIS A 268 4.37 6.49 -10.21
C HIS A 268 5.07 6.35 -8.85
N ASN A 269 6.30 5.83 -8.83
CA ASN A 269 7.05 5.88 -7.57
C ASN A 269 7.44 7.31 -7.21
N TYR A 270 7.74 8.14 -8.21
CA TYR A 270 8.02 9.54 -7.91
C TYR A 270 6.78 10.26 -7.37
N THR A 271 5.58 9.96 -7.89
CA THR A 271 4.42 10.64 -7.30
C THR A 271 4.08 10.06 -5.93
N ASN A 272 4.34 8.77 -5.70
CA ASN A 272 4.21 8.24 -4.33
C ASN A 272 5.13 9.01 -3.38
N ALA A 273 6.34 9.32 -3.83
CA ALA A 273 7.28 10.09 -3.03
C ALA A 273 6.76 11.48 -2.74
N LEU A 274 6.19 12.14 -3.76
CA LEU A 274 5.61 13.47 -3.59
C LEU A 274 4.45 13.44 -2.59
N ALA A 275 3.55 12.49 -2.73
CA ALA A 275 2.41 12.40 -1.80
C ALA A 275 2.91 12.15 -0.39
N ALA A 276 3.88 11.26 -0.23
CA ALA A 276 4.41 10.98 1.10
C ALA A 276 5.05 12.24 1.71
N LEU A 277 5.86 12.96 0.95
CA LEU A 277 6.50 14.19 1.43
C LEU A 277 5.45 15.23 1.82
N ALA A 278 4.37 15.34 1.05
CA ALA A 278 3.32 16.29 1.39
C ALA A 278 2.65 15.93 2.71
N LEU A 279 2.36 14.65 2.92
CA LEU A 279 1.78 14.19 4.18
C LEU A 279 2.71 14.45 5.35
N ALA A 280 4.00 14.14 5.17
CA ALA A 280 4.94 14.31 6.26
C ALA A 280 5.11 15.79 6.60
N ASP A 281 5.22 16.62 5.57
CA ASP A 281 5.31 18.07 5.77
C ASP A 281 4.09 18.55 6.57
N ALA A 282 2.90 18.12 6.16
CA ALA A 282 1.69 18.59 6.80
C ALA A 282 1.57 18.08 8.23
N ALA A 283 2.16 16.92 8.54
CA ALA A 283 2.13 16.40 9.89
C ALA A 283 3.16 17.05 10.79
N GLY A 284 3.99 17.91 10.24
CA GLY A 284 4.98 18.60 11.03
C GLY A 284 6.33 17.92 11.11
N LEU A 285 6.58 16.87 10.31
CA LEU A 285 7.86 16.21 10.35
C LEU A 285 8.91 17.08 9.67
N PRO A 286 10.17 16.96 10.10
CA PRO A 286 11.22 17.82 9.52
C PRO A 286 11.46 17.47 8.06
N ARG A 287 11.52 18.52 7.23
CA ARG A 287 11.83 18.32 5.82
C ARG A 287 13.14 17.55 5.61
N ALA A 288 14.16 17.86 6.41
CA ALA A 288 15.49 17.29 6.23
C ALA A 288 15.46 15.76 6.35
N SER A 289 14.79 15.26 7.40
CA SER A 289 14.74 13.82 7.60
C SER A 289 13.77 13.16 6.63
N SER A 290 12.71 13.87 6.21
CA SER A 290 11.79 13.29 5.23
C SER A 290 12.51 13.09 3.90
N LEU A 291 13.32 14.08 3.47
CA LEU A 291 14.10 13.88 2.24
C LEU A 291 15.14 12.77 2.40
N LYS A 292 15.80 12.68 3.56
CA LYS A 292 16.73 11.60 3.81
C LYS A 292 16.07 10.24 3.64
N ALA A 293 14.87 10.08 4.18
CA ALA A 293 14.17 8.80 4.04
C ALA A 293 13.88 8.47 2.58
N LEU A 294 13.58 9.48 1.76
CA LEU A 294 13.45 9.24 0.33
C LEU A 294 14.74 8.70 -0.29
N THR A 295 15.92 9.06 0.24
CA THR A 295 17.15 8.57 -0.34
C THR A 295 17.51 7.17 0.14
N THR A 296 16.94 6.70 1.26
CA THR A 296 17.30 5.42 1.78
C THR A 296 16.24 4.34 1.54
N PHE A 297 15.05 4.71 1.14
CA PHE A 297 13.98 3.72 1.06
C PHE A 297 14.20 2.74 -0.07
N THR A 298 14.10 1.44 0.24
CA THR A 298 14.39 0.41 -0.74
C THR A 298 13.17 -0.39 -1.20
N GLY A 299 11.98 -0.02 -0.75
CA GLY A 299 10.76 -0.55 -1.31
C GLY A 299 10.18 -1.68 -0.49
N LEU A 300 8.88 -1.89 -0.68
CA LEU A 300 8.19 -3.03 -0.11
C LEU A 300 8.50 -4.29 -0.91
N PRO A 301 8.35 -5.45 -0.28
CA PRO A 301 8.60 -6.71 -1.00
C PRO A 301 7.88 -6.75 -2.34
N HIS A 302 8.64 -7.07 -3.40
CA HIS A 302 8.18 -7.33 -4.76
C HIS A 302 7.65 -6.10 -5.47
N ARG A 303 7.82 -4.91 -4.89
CA ARG A 303 7.22 -3.68 -5.39
C ARG A 303 8.36 -2.69 -5.61
N PHE A 304 9.01 -2.81 -6.75
CA PHE A 304 10.26 -2.11 -7.04
C PHE A 304 11.21 -2.17 -5.86
N GLU A 305 11.42 -3.40 -5.36
CA GLU A 305 12.23 -3.64 -4.18
C GLU A 305 13.69 -3.74 -4.54
N VAL A 306 14.53 -2.88 -3.96
CA VAL A 306 15.95 -3.01 -4.18
C VAL A 306 16.47 -4.15 -3.31
N VAL A 307 16.79 -5.27 -3.94
CA VAL A 307 17.24 -6.42 -3.17
C VAL A 307 18.76 -6.49 -3.06
N LEU A 308 19.49 -5.80 -3.94
CA LEU A 308 20.94 -5.80 -3.88
C LEU A 308 21.44 -4.55 -4.61
N GLU A 309 22.39 -3.86 -3.99
CA GLU A 309 23.13 -2.80 -4.68
C GLU A 309 24.60 -3.05 -4.43
N HIS A 310 25.35 -3.41 -5.47
CA HIS A 310 26.72 -3.80 -5.29
C HIS A 310 27.47 -3.60 -6.60
N ASN A 311 28.72 -3.12 -6.51
CA ASN A 311 29.55 -2.85 -7.68
C ASN A 311 28.82 -1.98 -8.70
N GLY A 312 28.07 -0.99 -8.22
CA GLY A 312 27.39 -0.07 -9.10
C GLY A 312 26.17 -0.63 -9.81
N VAL A 313 25.72 -1.83 -9.44
CA VAL A 313 24.59 -2.47 -10.08
C VAL A 313 23.47 -2.58 -9.07
N ARG A 314 22.27 -2.20 -9.46
CA ARG A 314 21.06 -2.27 -8.63
C ARG A 314 20.16 -3.37 -9.16
N TRP A 315 19.81 -4.32 -8.30
CA TRP A 315 18.95 -5.44 -8.64
C TRP A 315 17.59 -5.17 -8.02
N ILE A 316 16.55 -5.14 -8.86
CA ILE A 316 15.23 -4.63 -8.49
C ILE A 316 14.22 -5.77 -8.68
N ASN A 317 13.55 -6.15 -7.58
CA ASN A 317 12.50 -7.16 -7.61
C ASN A 317 11.16 -6.46 -7.72
N ASP A 318 10.59 -6.44 -8.92
CA ASP A 318 9.26 -5.91 -9.14
C ASP A 318 8.31 -7.04 -9.57
N SER A 319 8.45 -8.19 -8.92
CA SER A 319 7.67 -9.37 -9.25
C SER A 319 6.16 -9.13 -9.09
N LYS A 320 5.76 -8.13 -8.31
CA LYS A 320 4.33 -7.82 -8.18
C LYS A 320 3.75 -7.36 -9.52
N ALA A 321 4.60 -6.95 -10.45
CA ALA A 321 4.15 -6.62 -11.81
C ALA A 321 3.74 -7.88 -12.55
N THR A 322 2.48 -8.29 -12.43
CA THR A 322 1.95 -9.49 -13.05
C THR A 322 1.17 -9.23 -14.34
N ASN A 323 1.13 -7.98 -14.79
CA ASN A 323 0.37 -7.58 -15.96
C ASN A 323 1.07 -6.42 -16.64
N VAL A 324 0.57 -6.06 -17.82
CA VAL A 324 1.29 -5.09 -18.64
C VAL A 324 1.26 -3.71 -18.01
N GLY A 325 0.10 -3.27 -17.51
CA GLY A 325 0.03 -1.95 -16.90
C GLY A 325 1.04 -1.74 -15.79
N SER A 326 1.30 -2.78 -14.99
CA SER A 326 2.25 -2.62 -13.89
C SER A 326 3.68 -2.45 -14.39
N THR A 327 4.08 -3.24 -15.39
CA THR A 327 5.41 -3.08 -15.97
C THR A 327 5.52 -1.77 -16.72
N GLU A 328 4.46 -1.36 -17.40
CA GLU A 328 4.50 -0.05 -18.04
C GLU A 328 4.81 1.03 -17.01
N ALA A 329 4.25 0.91 -15.82
CA ALA A 329 4.45 1.93 -14.80
C ALA A 329 5.86 1.88 -14.21
N ALA A 330 6.47 0.69 -14.17
CA ALA A 330 7.86 0.60 -13.77
C ALA A 330 8.76 1.23 -14.81
N LEU A 331 8.41 1.12 -16.09
CA LEU A 331 9.29 1.59 -17.15
C LEU A 331 9.14 3.07 -17.46
N ASN A 332 7.94 3.62 -17.31
CA ASN A 332 7.71 5.02 -17.61
C ASN A 332 8.41 5.90 -16.58
N GLY A 333 9.37 6.69 -17.02
CA GLY A 333 10.18 7.48 -16.09
C GLY A 333 11.25 6.71 -15.35
N LEU A 334 11.62 5.52 -15.82
CA LEU A 334 12.69 4.75 -15.22
C LEU A 334 14.04 5.43 -15.45
N HIS A 335 14.88 5.46 -14.41
CA HIS A 335 16.23 6.05 -14.50
C HIS A 335 17.26 4.93 -14.42
N VAL A 336 18.12 4.85 -15.44
CA VAL A 336 19.24 3.90 -15.45
C VAL A 336 20.46 4.63 -16.02
N ASP A 337 21.55 4.66 -15.26
CA ASP A 337 22.76 5.33 -15.75
C ASP A 337 23.39 4.58 -16.91
N GLY A 338 23.44 3.25 -16.80
CA GLY A 338 24.08 2.43 -17.82
C GLY A 338 23.06 1.64 -18.63
N THR A 339 23.10 0.31 -18.53
CA THR A 339 22.22 -0.56 -19.31
C THR A 339 21.15 -1.22 -18.43
N LEU A 340 19.90 -1.20 -18.90
CA LEU A 340 18.80 -1.94 -18.27
C LEU A 340 18.79 -3.37 -18.77
N HIS A 341 18.86 -4.31 -17.84
CA HIS A 341 18.69 -5.74 -18.11
C HIS A 341 17.33 -6.13 -17.56
N LEU A 342 16.36 -6.31 -18.45
CA LEU A 342 14.96 -6.42 -18.08
C LEU A 342 14.52 -7.87 -18.24
N LEU A 343 14.02 -8.47 -17.14
CA LEU A 343 13.51 -9.84 -17.14
C LEU A 343 12.01 -9.82 -17.34
N LEU A 344 11.55 -10.47 -18.42
CA LEU A 344 10.14 -10.56 -18.78
C LEU A 344 9.77 -12.03 -18.95
N GLY A 345 8.61 -12.42 -18.51
CA GLY A 345 8.15 -13.76 -18.86
C GLY A 345 7.21 -14.34 -17.82
N GLY A 346 6.72 -15.53 -18.17
CA GLY A 346 5.72 -16.23 -17.39
C GLY A 346 4.48 -16.49 -18.22
N ASP A 347 3.33 -16.48 -17.55
CA ASP A 347 2.04 -16.66 -18.21
C ASP A 347 1.48 -15.27 -18.51
N GLY A 348 1.51 -14.87 -19.77
CA GLY A 348 1.05 -13.58 -20.17
C GLY A 348 -0.45 -13.42 -20.22
N LYS A 349 -1.20 -14.47 -19.93
CA LYS A 349 -2.66 -14.42 -19.94
C LYS A 349 -3.19 -13.86 -21.26
N SER A 350 -2.52 -14.23 -22.36
CA SER A 350 -2.87 -13.75 -23.71
C SER A 350 -3.00 -12.24 -23.75
N ALA A 351 -2.10 -11.54 -23.05
CA ALA A 351 -2.17 -10.09 -23.00
C ALA A 351 -1.56 -9.46 -24.26
N ASP A 352 -1.94 -8.22 -24.51
CA ASP A 352 -1.35 -7.39 -25.56
C ASP A 352 -0.16 -6.64 -24.97
N PHE A 353 1.04 -7.04 -25.35
CA PHE A 353 2.26 -6.47 -24.76
C PHE A 353 2.75 -5.22 -25.49
N SER A 354 2.05 -4.77 -26.53
CA SER A 354 2.58 -3.70 -27.35
C SER A 354 2.76 -2.38 -26.60
N PRO A 355 2.01 -2.06 -25.54
CA PRO A 355 2.27 -0.79 -24.82
C PRO A 355 3.66 -0.69 -24.23
N LEU A 356 4.36 -1.80 -24.04
CA LEU A 356 5.72 -1.76 -23.51
C LEU A 356 6.74 -1.35 -24.55
N ALA A 357 6.38 -1.40 -25.83
CA ALA A 357 7.38 -1.25 -26.89
C ALA A 357 8.03 0.13 -26.84
N ARG A 358 7.24 1.17 -26.57
CA ARG A 358 7.79 2.51 -26.62
C ARG A 358 8.92 2.71 -25.61
N TYR A 359 9.03 1.83 -24.61
CA TYR A 359 10.05 1.98 -23.59
C TYR A 359 11.32 1.19 -23.89
N LEU A 360 11.30 0.30 -24.87
CA LEU A 360 12.38 -0.65 -25.09
C LEU A 360 13.26 -0.27 -26.27
N ASN A 361 13.29 1.01 -26.62
CA ASN A 361 14.21 1.48 -27.63
C ASN A 361 15.48 2.00 -26.97
N GLY A 362 16.51 2.17 -27.78
CA GLY A 362 17.78 2.69 -27.33
C GLY A 362 18.85 1.61 -27.31
N ASP A 363 20.09 2.08 -27.19
CA ASP A 363 21.27 1.22 -27.09
C ASP A 363 21.51 0.72 -25.68
N ASN A 364 20.60 0.97 -24.75
CA ASN A 364 20.84 0.75 -23.32
C ASN A 364 19.82 -0.22 -22.71
N VAL A 365 19.23 -1.10 -23.52
CA VAL A 365 18.22 -2.05 -23.06
C VAL A 365 18.59 -3.43 -23.57
N ARG A 366 18.56 -4.42 -22.67
CA ARG A 366 18.66 -5.83 -23.04
C ARG A 366 17.48 -6.56 -22.43
N LEU A 367 16.84 -7.45 -23.19
CA LEU A 367 15.72 -8.21 -22.67
C LEU A 367 16.13 -9.67 -22.47
N TYR A 368 15.64 -10.25 -21.38
CA TYR A 368 15.88 -11.65 -21.03
C TYR A 368 14.54 -12.27 -20.72
N CYS A 369 14.04 -13.08 -21.63
CA CYS A 369 12.64 -13.51 -21.63
C CYS A 369 12.56 -14.99 -21.34
N PHE A 370 11.62 -15.39 -20.47
CA PHE A 370 11.52 -16.77 -20.02
C PHE A 370 10.05 -17.16 -19.86
N GLY A 371 9.83 -18.42 -19.45
CA GLY A 371 8.50 -18.86 -19.10
C GLY A 371 7.67 -19.21 -20.33
N ARG A 372 6.40 -19.50 -20.06
CA ARG A 372 5.50 -19.97 -21.11
C ARG A 372 5.50 -19.05 -22.32
N ASP A 373 5.32 -17.73 -22.08
CA ASP A 373 5.15 -16.76 -23.15
C ASP A 373 6.43 -15.97 -23.40
N GLY A 374 7.59 -16.58 -23.14
CA GLY A 374 8.84 -15.85 -23.28
C GLY A 374 9.14 -15.45 -24.70
N ALA A 375 8.76 -16.28 -25.68
CA ALA A 375 9.04 -15.94 -27.06
C ALA A 375 8.18 -14.79 -27.55
N GLN A 376 6.94 -14.69 -27.05
CA GLN A 376 6.10 -13.53 -27.32
C GLN A 376 6.76 -12.25 -26.81
N LEU A 377 7.31 -12.29 -25.61
CA LEU A 377 7.93 -11.09 -25.06
C LEU A 377 9.23 -10.77 -25.80
N ALA A 378 10.01 -11.79 -26.17
CA ALA A 378 11.24 -11.52 -26.90
C ALA A 378 10.94 -10.85 -28.23
N ALA A 379 9.80 -11.16 -28.84
CA ALA A 379 9.42 -10.56 -30.11
C ALA A 379 9.21 -9.06 -30.03
N LEU A 380 9.02 -8.51 -28.82
CA LEU A 380 8.91 -7.06 -28.69
C LEU A 380 10.10 -6.35 -29.35
N ARG A 381 11.30 -6.96 -29.28
CA ARG A 381 12.51 -6.43 -29.91
C ARG A 381 13.59 -7.51 -29.94
N PRO A 382 13.60 -8.38 -30.97
CA PRO A 382 14.47 -9.57 -30.91
C PRO A 382 15.96 -9.26 -30.93
N GLU A 383 16.38 -8.17 -31.56
CA GLU A 383 17.81 -7.92 -31.72
C GLU A 383 18.51 -7.72 -30.38
N VAL A 384 17.79 -7.35 -29.33
CA VAL A 384 18.38 -7.16 -28.01
C VAL A 384 17.80 -8.13 -26.99
N ALA A 385 17.22 -9.24 -27.45
CA ALA A 385 16.54 -10.17 -26.54
C ALA A 385 17.17 -11.56 -26.59
N GLU A 386 17.20 -12.22 -25.43
CA GLU A 386 17.57 -13.62 -25.27
C GLU A 386 16.39 -14.35 -24.63
N GLN A 387 16.19 -15.61 -24.98
CA GLN A 387 15.10 -16.41 -24.44
C GLN A 387 15.68 -17.63 -23.73
N THR A 388 15.21 -17.88 -22.51
CA THR A 388 15.57 -19.06 -21.74
C THR A 388 14.28 -19.74 -21.27
N GLU A 389 14.41 -20.99 -20.81
CA GLU A 389 13.28 -21.64 -20.16
C GLU A 389 12.92 -20.93 -18.85
N THR A 390 13.92 -20.69 -17.99
CA THR A 390 13.66 -20.27 -16.62
C THR A 390 14.26 -18.90 -16.32
N MET A 391 13.70 -18.28 -15.28
CA MET A 391 14.25 -17.05 -14.74
C MET A 391 15.69 -17.24 -14.29
N GLU A 392 15.97 -18.34 -13.62
CA GLU A 392 17.34 -18.59 -13.17
C GLU A 392 18.30 -18.63 -14.34
N GLN A 393 17.93 -19.30 -15.43
CA GLN A 393 18.81 -19.32 -16.61
C GLN A 393 19.01 -17.92 -17.17
N ALA A 394 17.95 -17.12 -17.18
CA ALA A 394 18.08 -15.75 -17.68
C ALA A 394 19.03 -14.94 -16.80
N MET A 395 18.94 -15.12 -15.48
CA MET A 395 19.78 -14.37 -14.56
C MET A 395 21.24 -14.77 -14.69
N ARG A 396 21.50 -16.07 -14.90
CA ARG A 396 22.88 -16.52 -15.04
C ARG A 396 23.45 -16.09 -16.37
N LEU A 397 22.59 -15.89 -17.36
CA LEU A 397 23.04 -15.40 -18.65
C LEU A 397 23.47 -13.93 -18.54
N LEU A 398 22.73 -13.13 -17.78
CA LEU A 398 23.00 -11.70 -17.73
C LEU A 398 24.06 -11.33 -16.70
N ALA A 399 24.23 -12.14 -15.65
CA ALA A 399 25.17 -11.75 -14.60
C ALA A 399 26.55 -11.40 -15.13
N PRO A 400 27.16 -12.16 -16.05
CA PRO A 400 28.49 -11.79 -16.55
C PRO A 400 28.53 -10.50 -17.33
N ARG A 401 27.38 -9.98 -17.74
CA ARG A 401 27.33 -8.82 -18.62
C ARG A 401 27.13 -7.51 -17.90
N VAL A 402 26.78 -7.53 -16.62
CA VAL A 402 26.43 -6.30 -15.92
C VAL A 402 27.72 -5.55 -15.59
N GLN A 403 27.59 -4.23 -15.55
CA GLN A 403 28.67 -3.30 -15.29
C GLN A 403 28.14 -2.20 -14.40
N PRO A 404 29.01 -1.49 -13.71
CA PRO A 404 28.53 -0.34 -12.92
C PRO A 404 27.69 0.59 -13.75
N GLY A 405 26.61 1.09 -13.13
CA GLY A 405 25.61 1.88 -13.78
C GLY A 405 24.38 1.08 -14.18
N ASP A 406 24.47 -0.23 -14.21
CA ASP A 406 23.39 -1.03 -14.76
C ASP A 406 22.30 -1.26 -13.73
N MET A 407 21.11 -1.62 -14.23
CA MET A 407 19.98 -2.07 -13.43
C MET A 407 19.57 -3.47 -13.93
N VAL A 408 19.33 -4.40 -13.00
CA VAL A 408 18.68 -5.67 -13.30
C VAL A 408 17.27 -5.57 -12.74
N LEU A 409 16.27 -5.60 -13.63
CA LEU A 409 14.89 -5.36 -13.22
C LEU A 409 14.04 -6.58 -13.57
N LEU A 410 13.46 -7.20 -12.54
CA LEU A 410 12.44 -8.24 -12.72
C LEU A 410 11.09 -7.51 -12.63
N SER A 411 10.51 -7.22 -13.79
CA SER A 411 9.17 -6.61 -13.86
C SER A 411 8.50 -7.35 -15.01
N PRO A 412 7.97 -8.55 -14.76
CA PRO A 412 7.83 -9.53 -15.84
C PRO A 412 6.56 -9.42 -16.65
N ALA A 413 5.58 -8.63 -16.22
CA ALA A 413 4.37 -8.29 -16.97
C ALA A 413 3.46 -9.50 -17.13
N CYS A 414 3.77 -10.57 -16.41
CA CYS A 414 3.11 -11.85 -16.58
C CYS A 414 2.85 -12.45 -15.21
N ALA A 415 1.84 -13.32 -15.16
CA ALA A 415 1.63 -14.15 -13.99
C ALA A 415 2.75 -15.17 -13.87
N SER A 416 3.05 -15.55 -12.63
CA SER A 416 4.11 -16.50 -12.32
C SER A 416 3.64 -17.96 -12.33
N LEU A 417 2.34 -18.21 -12.50
CA LEU A 417 1.80 -19.49 -12.09
C LEU A 417 2.17 -20.67 -12.99
N ASP A 418 2.87 -20.42 -14.11
CA ASP A 418 3.32 -21.51 -14.97
C ASP A 418 4.57 -22.19 -14.43
N GLN A 419 5.34 -21.50 -13.58
CA GLN A 419 6.58 -22.04 -13.05
C GLN A 419 6.71 -21.85 -11.54
N PHE A 420 5.86 -21.04 -10.92
CA PHE A 420 6.01 -20.66 -9.54
C PHE A 420 4.67 -20.81 -8.81
N LYS A 421 4.78 -20.89 -7.49
CA LYS A 421 3.60 -20.97 -6.64
C LYS A 421 2.81 -19.66 -6.66
N ASN A 422 3.51 -18.53 -6.73
CA ASN A 422 2.92 -17.20 -6.82
C ASN A 422 4.05 -16.19 -7.06
N PHE A 423 3.67 -14.93 -7.28
CA PHE A 423 4.68 -13.92 -7.60
C PHE A 423 5.62 -13.69 -6.43
N GLU A 424 5.16 -13.95 -5.20
CA GLU A 424 6.05 -13.81 -4.05
C GLU A 424 7.19 -14.82 -4.13
N GLN A 425 6.89 -16.07 -4.45
CA GLN A 425 7.96 -17.04 -4.62
C GLN A 425 8.90 -16.62 -5.75
N ARG A 426 8.34 -16.14 -6.87
CA ARG A 426 9.17 -15.65 -7.96
C ARG A 426 10.10 -14.54 -7.50
N GLY A 427 9.56 -13.58 -6.74
CA GLY A 427 10.40 -12.48 -6.27
C GLY A 427 11.46 -12.95 -5.28
N ASN A 428 11.10 -13.86 -4.38
CA ASN A 428 12.07 -14.37 -3.41
C ASN A 428 13.19 -15.13 -4.11
N GLU A 429 12.85 -15.88 -5.16
CA GLU A 429 13.89 -16.57 -5.92
C GLU A 429 14.82 -15.59 -6.64
N PHE A 430 14.25 -14.51 -7.21
CA PHE A 430 15.06 -13.46 -7.80
C PHE A 430 16.03 -12.88 -6.76
N ALA A 431 15.54 -12.59 -5.56
CA ALA A 431 16.41 -11.99 -4.55
C ALA A 431 17.52 -12.95 -4.14
N ARG A 432 17.20 -14.22 -3.95
CA ARG A 432 18.23 -15.20 -3.62
C ARG A 432 19.31 -15.23 -4.71
N LEU A 433 18.90 -15.33 -5.98
CA LEU A 433 19.85 -15.42 -7.08
C LEU A 433 20.62 -14.12 -7.29
N ALA A 434 19.99 -12.96 -7.07
CA ALA A 434 20.74 -11.71 -7.15
C ALA A 434 21.88 -11.70 -6.15
N LYS A 435 21.62 -12.15 -4.92
CA LYS A 435 22.66 -12.17 -3.89
C LYS A 435 23.81 -13.09 -4.28
N GLU A 436 23.50 -14.21 -4.93
CA GLU A 436 24.53 -15.14 -5.33
C GLU A 436 25.37 -14.55 -6.47
N LEU A 437 24.71 -13.98 -7.47
CA LEU A 437 25.36 -13.62 -8.72
C LEU A 437 25.92 -12.21 -8.75
N GLY A 438 25.49 -11.34 -7.82
CA GLY A 438 25.86 -9.94 -7.83
C GLY A 438 26.69 -9.49 -6.64
N GLY A 439 27.03 -10.41 -5.74
CA GLY A 439 27.79 -10.11 -4.53
C GLY A 439 29.23 -10.53 -4.61
C ACT B . 0.76 -14.44 -9.43
O ACT B . 1.68 -14.67 -10.26
OXT ACT B . 0.83 -14.70 -8.21
CH3 ACT B . -0.52 -13.78 -9.99
S SO4 C . 5.42 15.62 15.49
O1 SO4 C . 5.58 16.61 14.36
O2 SO4 C . 6.48 15.83 16.53
O3 SO4 C . 4.04 15.81 16.08
O4 SO4 C . 5.50 14.23 14.94
C1 MPD D . 20.18 4.52 -11.62
C2 MPD D . 21.09 3.28 -11.64
O2 MPD D . 21.86 3.44 -12.83
CM MPD D . 20.22 2.04 -11.73
C3 MPD D . 21.93 3.25 -10.36
C4 MPD D . 22.74 1.99 -10.10
O4 MPD D . 23.62 1.84 -11.23
C5 MPD D . 23.54 2.13 -8.81
C1 OXM E . -17.53 0.23 -0.67
N1 OXM E . -17.15 0.26 0.63
O1 OXM E . -18.45 0.89 -1.16
C2 OXM E . -16.68 -0.69 -1.54
O2 OXM E . -15.82 -1.35 -0.94
O3 OXM E . -16.98 -0.61 -2.75
C1 OXM F . -8.45 -1.32 -0.68
N1 OXM F . -8.14 -1.74 0.57
O1 OXM F . -8.01 -1.85 -1.68
C2 OXM F . -9.38 -0.06 -0.71
O2 OXM F . -8.76 0.93 -1.09
O3 OXM F . -10.59 -0.16 -0.37
#